data_4Q8F
#
_entry.id   4Q8F
#
_cell.length_a   98.692
_cell.length_b   98.692
_cell.length_c   81.812
_cell.angle_alpha   90.000
_cell.angle_beta   90.000
_cell.angle_gamma   120.000
#
_symmetry.space_group_name_H-M   'P 61'
#
loop_
_entity.id
_entity.type
_entity.pdbx_description
1 polymer 'DNA polymerase eta'
2 polymer "5'-D(*CP*AP*TP*CP*GP*TP*CP*AP*CP*AP*CP*T)-3'"
3 polymer "5'-D(*AP*GP*TP*GP*TP*GP*AP*C)-3'"
4 non-polymer 'MAGNESIUM ION'
5 non-polymer "2'-deoxy-5'-O-[(R)-hydroxy{[(R)-hydroxy(phosphonooxy)phosphoryl]amino}phosphoryl]guanosine"
6 non-polymer GLYCEROL
7 water water
#
loop_
_entity_poly.entity_id
_entity_poly.type
_entity_poly.pdbx_seq_one_letter_code
_entity_poly.pdbx_strand_id
1 'polypeptide(L)'
;GPHMATGQDRVVALVDMDCFFVQVEQRQNPHLRNKPCAVVQYKSWKGGGIIAVSYEARAFGVTRSMWADDAKKLCPDLLL
AQVRESRGKANLTKYREASVEVMEIMSRFAVIERASIDEAYVDLTSAVQERLQKLQGQPISADLLPSTYIEGLPQGPTTA
EETVQKEGMRKQGLFQWLDSLQIDNLTSPDLQLTVGAVIVEEMRAAIERETGFQCSAGISHNKVLAKLACGLNKPNRQTL
VSHGSVPQLFSQMPIRKIRSLGGKLGASVIEILGIEYMGELTQFTESQLQSHFGEKNGSWLYAMCRGIEHDPVKPRQLPK
TIGCSKNFPGKTALATREQVQWWLLQLAQELEERLTKDRNDNDRVATQLVVSIRVQGDKRLSSLRRCCALTRYDAHKMSH
DAFTVIKNCNTSGIQTEWSPPLTMLFLCATKFSAS
;
A
2 'polydeoxyribonucleotide' (DA)(DT)(DC)(P9G)(DT)(DC)(DA)(DC)(DA)(DC)(DT) T
3 'polydeoxyribonucleotide' (DA)(DG)(DT)(DG)(DT)(DG)(DA)(DC) P
#
loop_
_chem_comp.id
_chem_comp.type
_chem_comp.name
_chem_comp.formula
DA DNA linking 2'-DEOXYADENOSINE-5'-MONOPHOSPHATE 'C10 H14 N5 O6 P'
DC DNA linking 2'-DEOXYCYTIDINE-5'-MONOPHOSPHATE 'C9 H14 N3 O7 P'
DG DNA linking 2'-DEOXYGUANOSINE-5'-MONOPHOSPHATE 'C10 H14 N5 O7 P'
DT DNA linking THYMIDINE-5'-MONOPHOSPHATE 'C10 H15 N2 O8 P'
GOL non-polymer GLYCEROL 'C3 H8 O3'
MG non-polymer 'MAGNESIUM ION' 'Mg 2'
P9G DNA linking 'diamino(2'-deoxy-5'-guanylic acid-kappaN~8~)(phenanthridine)platinum' 'C23 H27 N8 O7 P Pt'
XG4 non-polymer 2'-deoxy-5'-O-[(R)-hydroxy{[(R)-hydroxy(phosphonooxy)phosphoryl]amino}phosphoryl]guanosine 'C10 H17 N6 O12 P3'
#
# COMPACT_ATOMS: atom_id res chain seq x y z
N MET A 4 0.91 -14.98 30.31
CA MET A 4 1.11 -13.58 29.96
C MET A 4 1.36 -13.41 28.47
N ALA A 5 0.34 -12.96 27.74
CA ALA A 5 0.44 -12.72 26.29
C ALA A 5 1.56 -11.74 25.99
N THR A 6 2.28 -11.96 24.90
CA THR A 6 3.49 -11.18 24.67
C THR A 6 3.48 -10.35 23.36
N GLY A 7 3.27 -11.00 22.21
CA GLY A 7 3.35 -10.30 20.93
C GLY A 7 4.65 -9.56 20.69
N GLN A 8 5.76 -10.07 21.21
CA GLN A 8 7.07 -9.48 20.99
C GLN A 8 7.99 -10.49 20.31
N ASP A 9 7.38 -11.47 19.64
CA ASP A 9 8.09 -12.60 19.08
C ASP A 9 8.78 -12.29 17.75
N ARG A 10 8.24 -11.33 17.01
CA ARG A 10 8.77 -11.01 15.69
C ARG A 10 9.34 -9.59 15.63
N VAL A 11 10.18 -9.34 14.63
CA VAL A 11 10.55 -7.99 14.27
C VAL A 11 10.05 -7.74 12.86
N VAL A 12 9.12 -6.81 12.72
CA VAL A 12 8.48 -6.54 11.44
C VAL A 12 8.63 -5.07 11.04
N ALA A 13 8.99 -4.86 9.78
CA ALA A 13 9.09 -3.50 9.25
C ALA A 13 8.15 -3.31 8.06
N LEU A 14 7.67 -2.09 7.89
CA LEU A 14 6.89 -1.73 6.71
C LEU A 14 7.55 -0.54 6.04
N VAL A 15 8.09 -0.75 4.85
CA VAL A 15 8.69 0.33 4.09
C VAL A 15 7.72 0.83 3.03
N ASP A 16 7.42 2.13 3.08
CA ASP A 16 6.52 2.74 2.10
C ASP A 16 7.16 3.97 1.46
N MET A 17 7.18 4.00 0.13
CA MET A 17 7.80 5.10 -0.61
C MET A 17 7.06 6.42 -0.39
N ASP A 18 7.82 7.50 -0.24
CA ASP A 18 7.25 8.83 -0.10
C ASP A 18 6.76 9.34 -1.45
N CYS A 19 5.54 9.87 -1.48
CA CYS A 19 4.89 10.40 -2.69
C CYS A 19 5.38 9.72 -3.98
N PHE A 20 5.13 8.42 -4.05
CA PHE A 20 5.80 7.54 -5.00
C PHE A 20 5.74 7.96 -6.48
N PHE A 21 4.53 8.07 -7.03
CA PHE A 21 4.35 8.41 -8.43
C PHE A 21 5.00 9.74 -8.76
N VAL A 22 4.91 10.68 -7.82
CA VAL A 22 5.54 11.98 -7.96
C VAL A 22 7.06 11.84 -8.04
N GLN A 23 7.63 11.05 -7.14
CA GLN A 23 9.08 10.81 -7.15
C GLN A 23 9.54 10.18 -8.46
N VAL A 24 8.74 9.26 -8.99
CA VAL A 24 9.05 8.61 -10.25
C VAL A 24 9.15 9.63 -11.39
N GLU A 25 8.19 10.54 -11.44
CA GLU A 25 8.18 11.59 -12.45
C GLU A 25 9.32 12.57 -12.22
N GLN A 26 9.65 12.81 -10.95
CA GLN A 26 10.69 13.76 -10.59
C GLN A 26 12.10 13.27 -10.93
N ARG A 27 12.33 11.97 -10.78
CA ARG A 27 13.61 11.39 -11.16
C ARG A 27 13.78 11.52 -12.68
N GLN A 28 12.69 11.31 -13.39
CA GLN A 28 12.69 11.36 -14.85
C GLN A 28 12.77 12.78 -15.37
N ASN A 29 12.09 13.70 -14.68
CA ASN A 29 12.09 15.11 -15.07
C ASN A 29 12.57 15.98 -13.91
N PRO A 30 13.87 16.32 -13.90
CA PRO A 30 14.51 17.12 -12.85
C PRO A 30 13.82 18.46 -12.61
N HIS A 31 13.10 18.95 -13.61
CA HIS A 31 12.38 20.22 -13.49
C HIS A 31 11.25 20.14 -12.46
N LEU A 32 10.85 18.93 -12.09
CA LEU A 32 9.78 18.75 -11.13
C LEU A 32 10.30 18.62 -9.70
N ARG A 33 11.62 18.49 -9.57
CA ARG A 33 12.23 18.22 -8.27
C ARG A 33 12.13 19.40 -7.30
N ASN A 34 11.86 19.07 -6.03
CA ASN A 34 11.77 20.06 -4.95
C ASN A 34 10.76 21.17 -5.23
N LYS A 35 9.65 20.80 -5.86
CA LYS A 35 8.60 21.76 -6.19
C LYS A 35 7.24 21.21 -5.82
N PRO A 36 6.26 22.10 -5.60
CA PRO A 36 4.89 21.63 -5.39
C PRO A 36 4.39 21.00 -6.68
N CYS A 37 4.21 19.67 -6.67
N CYS A 37 4.19 19.66 -6.66
CA CYS A 37 3.73 18.98 -7.85
CA CYS A 37 3.82 18.92 -7.85
C CYS A 37 2.85 17.80 -7.50
C CYS A 37 2.92 17.72 -7.52
N ALA A 38 2.07 17.34 -8.48
CA ALA A 38 1.15 16.23 -8.29
C ALA A 38 1.03 15.37 -9.54
N VAL A 39 0.46 14.17 -9.38
CA VAL A 39 0.27 13.26 -10.49
C VAL A 39 -1.21 12.95 -10.67
N VAL A 40 -1.72 13.13 -11.90
CA VAL A 40 -3.11 12.89 -12.24
C VAL A 40 -3.26 12.11 -13.55
N GLN A 41 -4.45 11.58 -13.79
CA GLN A 41 -4.74 10.90 -15.05
C GLN A 41 -6.00 11.45 -15.69
N TYR A 42 -6.00 11.53 -17.02
CA TYR A 42 -7.11 12.07 -17.80
C TYR A 42 -7.43 13.53 -17.46
N LYS A 43 -6.69 14.45 -18.07
CA LYS A 43 -6.80 15.87 -17.77
C LYS A 43 -7.92 16.53 -18.57
N SER A 44 -8.40 15.84 -19.60
CA SER A 44 -9.47 16.38 -20.45
C SER A 44 -10.73 16.67 -19.66
N TRP A 45 -10.80 16.14 -18.44
CA TRP A 45 -11.90 16.41 -17.53
C TRP A 45 -11.37 16.92 -16.19
N LYS A 46 -11.70 18.18 -15.88
CA LYS A 46 -11.32 18.81 -14.62
C LYS A 46 -9.82 18.74 -14.34
N GLY A 47 -9.02 18.87 -15.40
CA GLY A 47 -7.57 18.85 -15.28
C GLY A 47 -7.00 17.52 -14.83
N GLY A 48 -7.88 16.54 -14.60
CA GLY A 48 -7.44 15.25 -14.11
C GLY A 48 -7.66 15.09 -12.63
N GLY A 49 -7.82 13.84 -12.20
CA GLY A 49 -7.99 13.53 -10.79
C GLY A 49 -6.66 13.22 -10.12
N ILE A 50 -6.36 13.94 -9.05
CA ILE A 50 -5.08 13.80 -8.34
C ILE A 50 -4.96 12.49 -7.56
N ILE A 51 -3.90 11.74 -7.84
CA ILE A 51 -3.68 10.47 -7.16
C ILE A 51 -2.38 10.44 -6.34
N ALA A 52 -1.53 11.44 -6.54
CA ALA A 52 -0.29 11.56 -5.79
C ALA A 52 0.13 13.02 -5.66
N VAL A 53 0.61 13.41 -4.48
CA VAL A 53 0.93 14.79 -4.18
C VAL A 53 2.30 14.91 -3.50
N SER A 54 3.16 15.78 -4.02
CA SER A 54 4.45 16.04 -3.38
C SER A 54 4.20 16.75 -2.05
N TYR A 55 5.13 16.62 -1.11
CA TYR A 55 4.96 17.20 0.20
C TYR A 55 4.96 18.72 0.19
N GLU A 56 5.62 19.31 -0.80
CA GLU A 56 5.61 20.74 -0.99
C GLU A 56 4.22 21.23 -1.36
N ALA A 57 3.53 20.43 -2.16
CA ALA A 57 2.18 20.77 -2.60
C ALA A 57 1.15 20.58 -1.49
N ARG A 58 1.40 19.60 -0.63
CA ARG A 58 0.50 19.31 0.49
C ARG A 58 0.45 20.49 1.46
N ALA A 59 1.53 21.26 1.50
CA ALA A 59 1.59 22.45 2.35
C ALA A 59 0.51 23.46 1.97
N PHE A 60 0.10 23.42 0.70
CA PHE A 60 -0.95 24.30 0.20
C PHE A 60 -2.33 23.68 0.41
N GLY A 61 -2.36 22.43 0.83
CA GLY A 61 -3.61 21.73 1.07
C GLY A 61 -4.08 20.89 -0.11
N VAL A 62 -3.19 20.72 -1.09
CA VAL A 62 -3.48 19.86 -2.23
C VAL A 62 -3.52 18.41 -1.76
N THR A 63 -4.59 17.71 -2.09
CA THR A 63 -4.74 16.32 -1.66
C THR A 63 -5.09 15.38 -2.80
N ARG A 64 -4.95 14.10 -2.51
CA ARG A 64 -5.42 13.04 -3.39
C ARG A 64 -6.94 13.15 -3.51
N SER A 65 -7.50 12.71 -4.64
CA SER A 65 -8.93 12.76 -4.95
C SER A 65 -9.44 14.15 -5.35
N MET A 66 -8.57 15.14 -5.25
CA MET A 66 -8.90 16.51 -5.62
C MET A 66 -8.77 16.71 -7.12
N TRP A 67 -9.65 17.49 -7.72
CA TRP A 67 -9.51 17.84 -9.13
C TRP A 67 -8.31 18.76 -9.30
N ALA A 68 -7.54 18.57 -10.36
CA ALA A 68 -6.35 19.37 -10.61
C ALA A 68 -6.69 20.86 -10.74
N ASP A 69 -7.82 21.15 -11.38
CA ASP A 69 -8.27 22.53 -11.54
C ASP A 69 -8.62 23.18 -10.20
N ASP A 70 -9.16 22.39 -9.28
CA ASP A 70 -9.45 22.87 -7.94
C ASP A 70 -8.15 22.99 -7.14
N ALA A 71 -7.24 22.04 -7.37
CA ALA A 71 -5.94 22.08 -6.72
C ALA A 71 -5.14 23.29 -7.17
N LYS A 72 -5.35 23.69 -8.43
CA LYS A 72 -4.69 24.85 -9.00
C LYS A 72 -5.12 26.13 -8.30
N LYS A 73 -6.31 26.12 -7.73
CA LYS A 73 -6.83 27.29 -7.04
C LYS A 73 -6.11 27.47 -5.70
N LEU A 74 -5.69 26.37 -5.11
CA LEU A 74 -4.97 26.40 -3.83
C LEU A 74 -3.48 26.65 -4.04
N CYS A 75 -2.97 26.17 -5.17
CA CYS A 75 -1.54 26.23 -5.45
C CYS A 75 -1.32 26.57 -6.93
N PRO A 76 -1.26 27.88 -7.25
CA PRO A 76 -1.16 28.35 -8.63
C PRO A 76 0.06 27.82 -9.39
N ASP A 77 1.17 27.63 -8.69
CA ASP A 77 2.40 27.15 -9.32
C ASP A 77 2.53 25.63 -9.27
N LEU A 78 1.45 24.94 -8.89
CA LEU A 78 1.44 23.49 -8.86
C LEU A 78 1.80 22.93 -10.22
N LEU A 79 2.83 22.11 -10.27
CA LEU A 79 3.21 21.43 -11.49
C LEU A 79 2.49 20.09 -11.56
N LEU A 80 2.20 19.63 -12.77
CA LEU A 80 1.49 18.37 -12.93
C LEU A 80 2.22 17.43 -13.88
N ALA A 81 2.28 16.16 -13.49
CA ALA A 81 2.71 15.10 -14.38
C ALA A 81 1.53 14.18 -14.56
N GLN A 82 1.27 13.78 -15.80
CA GLN A 82 0.09 13.00 -16.08
C GLN A 82 0.43 11.53 -16.33
N VAL A 83 -0.43 10.64 -15.82
CA VAL A 83 -0.29 9.22 -16.09
C VAL A 83 -0.38 9.00 -17.59
N ARG A 84 0.56 8.23 -18.13
CA ARG A 84 0.57 7.89 -19.54
C ARG A 84 -0.74 7.22 -19.95
N GLU A 85 -1.19 7.49 -21.16
CA GLU A 85 -2.42 6.90 -21.66
C GLU A 85 -2.15 6.03 -22.88
N SER A 86 -2.70 4.82 -22.87
CA SER A 86 -2.54 3.90 -23.98
C SER A 86 -3.87 3.21 -24.28
N ARG A 87 -4.20 3.11 -25.56
CA ARG A 87 -5.45 2.48 -26.01
C ARG A 87 -6.68 3.10 -25.34
N GLY A 88 -6.63 4.41 -25.13
CA GLY A 88 -7.71 5.15 -24.49
C GLY A 88 -7.81 4.84 -23.00
N LYS A 89 -6.79 4.17 -22.47
CA LYS A 89 -6.79 3.83 -21.05
C LYS A 89 -5.48 4.20 -20.34
N ALA A 90 -5.56 4.30 -19.02
CA ALA A 90 -4.40 4.60 -18.20
C ALA A 90 -3.35 3.50 -18.29
N ASN A 91 -2.09 3.91 -18.35
CA ASN A 91 -0.97 2.97 -18.39
C ASN A 91 -0.03 3.20 -17.23
N LEU A 92 0.02 2.25 -16.30
CA LEU A 92 0.82 2.39 -15.09
C LEU A 92 2.15 1.67 -15.20
N THR A 93 2.59 1.42 -16.43
CA THR A 93 3.81 0.66 -16.70
C THR A 93 5.04 1.27 -16.04
N LYS A 94 5.19 2.59 -16.18
CA LYS A 94 6.34 3.29 -15.62
C LYS A 94 6.47 3.09 -14.12
N TYR A 95 5.33 3.01 -13.43
CA TYR A 95 5.31 2.91 -11.99
C TYR A 95 5.51 1.48 -11.50
N ARG A 96 4.95 0.52 -12.22
CA ARG A 96 5.13 -0.89 -11.89
C ARG A 96 6.60 -1.27 -12.00
N GLU A 97 7.26 -0.73 -13.01
CA GLU A 97 8.68 -1.00 -13.23
C GLU A 97 9.56 -0.36 -12.16
N ALA A 98 9.18 0.84 -11.73
CA ALA A 98 9.91 1.54 -10.68
C ALA A 98 9.73 0.78 -9.37
N SER A 99 8.55 0.21 -9.18
CA SER A 99 8.24 -0.59 -8.00
C SER A 99 9.16 -1.80 -7.91
N VAL A 100 9.35 -2.48 -9.05
CA VAL A 100 10.19 -3.66 -9.12
C VAL A 100 11.62 -3.35 -8.68
N GLU A 101 12.12 -2.18 -9.09
CA GLU A 101 13.43 -1.72 -8.66
C GLU A 101 13.54 -1.73 -7.13
N VAL A 102 12.54 -1.17 -6.47
CA VAL A 102 12.52 -1.06 -5.03
C VAL A 102 12.39 -2.42 -4.35
N MET A 103 11.45 -3.23 -4.84
CA MET A 103 11.19 -4.55 -4.27
C MET A 103 12.41 -5.47 -4.32
N GLU A 104 13.18 -5.36 -5.39
CA GLU A 104 14.35 -6.21 -5.57
C GLU A 104 15.48 -5.87 -4.61
N ILE A 105 15.63 -4.59 -4.31
CA ILE A 105 16.63 -4.14 -3.34
C ILE A 105 16.25 -4.64 -1.95
N MET A 106 14.99 -4.48 -1.58
CA MET A 106 14.50 -4.94 -0.30
C MET A 106 14.60 -6.45 -0.16
N SER A 107 14.38 -7.16 -1.27
CA SER A 107 14.42 -8.62 -1.27
C SER A 107 15.81 -9.16 -0.92
N ARG A 108 16.82 -8.31 -1.04
CA ARG A 108 18.19 -8.73 -0.75
C ARG A 108 18.44 -8.86 0.75
N PHE A 109 17.61 -8.19 1.55
CA PHE A 109 17.80 -8.17 3.00
C PHE A 109 16.97 -9.24 3.71
N ALA A 110 15.76 -9.47 3.20
CA ALA A 110 14.87 -10.47 3.78
C ALA A 110 13.72 -10.78 2.83
N VAL A 111 12.95 -11.82 3.17
CA VAL A 111 11.74 -12.14 2.43
C VAL A 111 10.71 -11.04 2.67
N ILE A 112 10.09 -10.56 1.60
CA ILE A 112 9.14 -9.47 1.71
C ILE A 112 7.73 -9.83 1.22
N GLU A 113 6.75 -9.10 1.74
CA GLU A 113 5.38 -9.18 1.24
C GLU A 113 5.01 -7.87 0.58
N ARG A 114 4.90 -7.88 -0.75
CA ARG A 114 4.43 -6.73 -1.49
C ARG A 114 3.01 -6.40 -1.06
N ALA A 115 2.84 -5.28 -0.36
CA ALA A 115 1.53 -4.90 0.17
C ALA A 115 0.79 -3.98 -0.80
N SER A 116 1.55 -3.24 -1.60
CA SER A 116 0.99 -2.41 -2.64
C SER A 116 2.09 -2.07 -3.64
N ILE A 117 1.81 -1.17 -4.58
CA ILE A 117 2.79 -0.81 -5.58
C ILE A 117 4.02 -0.13 -4.98
N ASP A 118 3.88 0.46 -3.80
CA ASP A 118 4.98 1.20 -3.21
C ASP A 118 5.34 0.81 -1.77
N GLU A 119 4.84 -0.32 -1.31
CA GLU A 119 5.19 -0.76 0.04
C GLU A 119 5.31 -2.28 0.20
N ALA A 120 6.18 -2.69 1.11
CA ALA A 120 6.39 -4.10 1.39
C ALA A 120 6.69 -4.32 2.86
N TYR A 121 6.18 -5.42 3.41
CA TYR A 121 6.49 -5.80 4.78
C TYR A 121 7.74 -6.65 4.80
N VAL A 122 8.52 -6.50 5.86
CA VAL A 122 9.76 -7.23 6.01
C VAL A 122 9.80 -7.95 7.35
N ASP A 123 10.01 -9.27 7.32
CA ASP A 123 10.18 -10.02 8.55
C ASP A 123 11.67 -10.11 8.86
N LEU A 124 12.11 -9.33 9.84
CA LEU A 124 13.53 -9.18 10.14
C LEU A 124 13.98 -10.03 11.32
N THR A 125 13.09 -10.88 11.83
CA THR A 125 13.36 -11.66 13.03
C THR A 125 14.67 -12.44 12.96
N SER A 126 14.85 -13.20 11.88
CA SER A 126 16.05 -14.01 11.69
C SER A 126 17.27 -13.11 11.42
N ALA A 127 17.05 -12.04 10.67
CA ALA A 127 18.11 -11.12 10.31
C ALA A 127 18.63 -10.38 11.54
N VAL A 128 17.73 -10.08 12.47
CA VAL A 128 18.11 -9.41 13.72
C VAL A 128 18.96 -10.35 14.58
N GLN A 129 18.52 -11.60 14.70
CA GLN A 129 19.25 -12.60 15.47
C GLN A 129 20.67 -12.77 14.93
N GLU A 130 20.79 -12.79 13.60
CA GLU A 130 22.10 -12.92 12.96
C GLU A 130 23.03 -11.76 13.34
N ARG A 131 22.50 -10.55 13.28
CA ARG A 131 23.28 -9.34 13.57
C ARG A 131 23.74 -9.28 15.03
N LEU A 132 22.95 -9.86 15.93
CA LEU A 132 23.21 -9.77 17.36
C LEU A 132 24.51 -10.48 17.77
N GLN A 133 24.80 -11.61 17.14
CA GLN A 133 26.03 -12.32 17.44
C GLN A 133 27.24 -11.60 16.85
N LYS A 134 27.06 -11.03 15.66
CA LYS A 134 28.11 -10.26 15.02
C LYS A 134 28.54 -9.08 15.89
N LEU A 135 27.55 -8.42 16.49
CA LEU A 135 27.80 -7.29 17.39
C LEU A 135 28.73 -7.70 18.52
N GLN A 136 28.54 -8.91 19.03
CA GLN A 136 29.33 -9.43 20.15
C GLN A 136 29.25 -8.48 21.35
N GLY A 137 28.02 -8.25 21.81
CA GLY A 137 27.78 -7.41 22.96
C GLY A 137 28.18 -5.95 22.79
N GLN A 138 28.40 -5.53 21.56
CA GLN A 138 28.77 -4.15 21.27
C GLN A 138 27.55 -3.24 21.29
N PRO A 139 27.64 -2.10 22.00
CA PRO A 139 26.52 -1.16 22.09
C PRO A 139 26.16 -0.57 20.74
N ILE A 140 24.95 -0.03 20.63
CA ILE A 140 24.51 0.56 19.38
C ILE A 140 24.66 2.07 19.40
N SER A 141 25.50 2.59 18.52
CA SER A 141 25.71 4.03 18.40
C SER A 141 24.50 4.70 17.77
N ALA A 142 24.22 5.92 18.21
CA ALA A 142 23.12 6.70 17.65
C ALA A 142 23.38 7.02 16.18
N ASP A 143 24.66 6.95 15.79
CA ASP A 143 25.06 7.18 14.41
C ASP A 143 24.49 6.14 13.47
N LEU A 144 24.15 4.97 13.99
CA LEU A 144 23.58 3.90 13.18
C LEU A 144 22.08 4.11 12.98
N LEU A 145 21.53 5.10 13.65
CA LEU A 145 20.11 5.41 13.53
C LEU A 145 19.87 6.90 13.24
N PRO A 146 20.44 7.40 12.12
CA PRO A 146 20.40 8.84 11.89
C PRO A 146 19.03 9.39 11.44
N SER A 147 18.09 8.51 11.09
CA SER A 147 16.78 8.96 10.67
C SER A 147 15.66 8.25 11.43
N THR A 148 16.00 7.74 12.61
CA THR A 148 15.05 6.94 13.40
C THR A 148 14.39 7.73 14.53
N TYR A 149 13.07 7.63 14.62
CA TYR A 149 12.32 8.17 15.75
C TYR A 149 11.91 7.05 16.69
N ILE A 150 11.99 7.32 17.99
CA ILE A 150 11.45 6.39 18.98
C ILE A 150 10.15 6.96 19.52
N GLU A 151 9.03 6.37 19.11
CA GLU A 151 7.72 6.85 19.52
C GLU A 151 7.55 6.85 21.03
N GLY A 152 7.11 7.98 21.58
CA GLY A 152 6.90 8.11 23.01
C GLY A 152 8.03 8.84 23.71
N LEU A 153 9.13 9.04 23.01
CA LEU A 153 10.30 9.70 23.58
C LEU A 153 10.64 10.98 22.82
N PRO A 154 11.27 11.96 23.51
CA PRO A 154 11.70 11.94 24.92
C PRO A 154 10.55 12.14 25.89
N GLN A 155 10.76 11.75 27.15
CA GLN A 155 9.73 11.87 28.17
C GLN A 155 10.28 12.40 29.49
N GLY A 156 9.40 12.91 30.33
CA GLY A 156 9.76 13.31 31.68
C GLY A 156 10.60 14.57 31.78
N PRO A 157 11.46 14.63 32.81
CA PRO A 157 12.32 15.77 33.11
C PRO A 157 13.42 15.94 32.07
N THR A 163 16.44 22.01 23.66
CA THR A 163 16.08 22.34 22.28
C THR A 163 14.56 22.37 22.11
N VAL A 164 14.13 22.77 20.92
CA VAL A 164 12.70 22.80 20.60
C VAL A 164 12.44 22.20 19.21
N GLN A 165 13.39 22.42 18.31
N GLN A 165 13.37 22.43 18.29
CA GLN A 165 13.28 21.93 16.93
CA GLN A 165 13.21 21.96 16.91
C GLN A 165 13.09 20.42 16.85
C GLN A 165 13.14 20.43 16.82
N LYS A 166 12.54 19.95 15.73
CA LYS A 166 12.24 18.53 15.56
C LYS A 166 13.45 17.60 15.60
N GLU A 167 14.51 17.96 14.89
CA GLU A 167 15.71 17.11 14.82
C GLU A 167 16.36 16.97 16.20
N GLY A 168 16.37 18.05 16.97
CA GLY A 168 16.88 18.02 18.33
C GLY A 168 16.04 17.11 19.20
N MET A 169 14.73 17.18 19.02
CA MET A 169 13.80 16.33 19.76
C MET A 169 14.01 14.85 19.40
N ARG A 170 14.21 14.59 18.12
CA ARG A 170 14.44 13.23 17.63
C ARG A 170 15.65 12.61 18.31
N LYS A 171 16.75 13.35 18.32
CA LYS A 171 18.01 12.88 18.89
C LYS A 171 17.88 12.62 20.39
N GLN A 172 17.19 13.52 21.09
CA GLN A 172 17.02 13.40 22.54
C GLN A 172 16.23 12.14 22.88
N GLY A 173 15.18 11.88 22.10
CA GLY A 173 14.39 10.68 22.28
C GLY A 173 15.19 9.43 21.97
N LEU A 174 16.00 9.49 20.93
CA LEU A 174 16.83 8.37 20.53
C LEU A 174 17.85 8.02 21.60
N PHE A 175 18.43 9.06 22.21
CA PHE A 175 19.45 8.87 23.25
C PHE A 175 18.86 8.27 24.52
N GLN A 176 17.67 8.72 24.91
CA GLN A 176 16.99 8.15 26.07
C GLN A 176 16.76 6.65 25.87
N TRP A 177 16.34 6.30 24.66
CA TRP A 177 16.12 4.91 24.27
C TRP A 177 17.42 4.10 24.37
N LEU A 178 18.47 4.62 23.75
CA LEU A 178 19.75 3.93 23.72
C LEU A 178 20.46 3.89 25.06
N ASP A 179 20.30 4.95 25.85
CA ASP A 179 20.90 5.01 27.18
C ASP A 179 20.27 3.98 28.13
N SER A 180 19.01 3.66 27.90
CA SER A 180 18.28 2.75 28.78
C SER A 180 18.32 1.32 28.25
N LEU A 181 18.86 1.15 27.05
CA LEU A 181 18.86 -0.16 26.40
C LEU A 181 19.75 -1.16 27.14
N GLN A 182 19.25 -2.38 27.29
CA GLN A 182 20.02 -3.45 27.93
C GLN A 182 20.56 -4.38 26.85
N ILE A 183 21.80 -4.13 26.44
CA ILE A 183 22.43 -4.88 25.35
C ILE A 183 22.99 -6.22 25.80
N ASP A 184 22.86 -6.52 27.08
CA ASP A 184 23.36 -7.77 27.64
C ASP A 184 22.46 -8.95 27.24
N ASN A 185 21.17 -8.67 27.09
CA ASN A 185 20.18 -9.71 26.82
C ASN A 185 19.86 -9.80 25.34
N LEU A 186 20.25 -10.91 24.72
CA LEU A 186 20.04 -11.10 23.28
C LEU A 186 18.61 -11.47 22.94
N THR A 187 17.78 -11.69 23.95
CA THR A 187 16.38 -11.99 23.73
C THR A 187 15.49 -10.82 24.17
N SER A 188 16.11 -9.69 24.46
CA SER A 188 15.37 -8.48 24.79
C SER A 188 14.67 -7.94 23.54
N PRO A 189 13.34 -7.91 23.57
CA PRO A 189 12.53 -7.45 22.43
C PRO A 189 12.88 -6.03 22.00
N ASP A 190 13.12 -5.15 22.97
CA ASP A 190 13.50 -3.78 22.67
C ASP A 190 14.85 -3.71 21.96
N LEU A 191 15.77 -4.57 22.35
CA LEU A 191 17.06 -4.66 21.70
C LEU A 191 16.89 -5.15 20.27
N GLN A 192 16.02 -6.14 20.10
CA GLN A 192 15.76 -6.71 18.79
C GLN A 192 15.16 -5.68 17.83
N LEU A 193 14.27 -4.84 18.34
CA LEU A 193 13.66 -3.78 17.54
C LEU A 193 14.70 -2.76 17.09
N THR A 194 15.64 -2.45 17.98
CA THR A 194 16.69 -1.47 17.70
C THR A 194 17.61 -1.96 16.58
N VAL A 195 18.03 -3.21 16.66
CA VAL A 195 18.88 -3.81 15.63
C VAL A 195 18.10 -3.89 14.32
N GLY A 196 16.82 -4.18 14.41
CA GLY A 196 15.95 -4.19 13.24
C GLY A 196 15.92 -2.82 12.59
N ALA A 197 15.89 -1.78 13.42
CA ALA A 197 15.86 -0.41 12.93
C ALA A 197 17.17 -0.04 12.24
N VAL A 198 18.29 -0.57 12.76
CA VAL A 198 19.59 -0.34 12.17
C VAL A 198 19.65 -0.92 10.77
N ILE A 199 19.08 -2.11 10.60
CA ILE A 199 19.03 -2.78 9.30
C ILE A 199 18.16 -2.00 8.32
N VAL A 200 17.06 -1.44 8.82
CA VAL A 200 16.14 -0.67 7.98
C VAL A 200 16.78 0.63 7.50
N GLU A 201 17.62 1.23 8.34
CA GLU A 201 18.40 2.39 7.93
C GLU A 201 19.26 2.01 6.72
N GLU A 202 19.88 0.84 6.80
CA GLU A 202 20.71 0.33 5.72
C GLU A 202 19.86 0.00 4.49
N MET A 203 18.70 -0.60 4.71
CA MET A 203 17.81 -0.97 3.62
C MET A 203 17.29 0.28 2.90
N ARG A 204 16.88 1.28 3.68
CA ARG A 204 16.37 2.52 3.11
C ARG A 204 17.48 3.30 2.40
N ALA A 205 18.70 3.20 2.93
CA ALA A 205 19.84 3.87 2.32
C ALA A 205 20.16 3.26 0.96
N ALA A 206 20.07 1.93 0.88
CA ALA A 206 20.34 1.21 -0.35
C ALA A 206 19.32 1.57 -1.43
N ILE A 207 18.05 1.72 -1.03
CA ILE A 207 16.99 2.09 -1.95
C ILE A 207 17.25 3.45 -2.59
N GLU A 208 17.62 4.42 -1.76
CA GLU A 208 17.87 5.77 -2.26
C GLU A 208 19.11 5.85 -3.14
N ARG A 209 20.16 5.15 -2.75
CA ARG A 209 21.40 5.17 -3.52
C ARG A 209 21.20 4.57 -4.92
N GLU A 210 20.42 3.51 -4.98
CA GLU A 210 20.29 2.74 -6.21
C GLU A 210 19.08 3.14 -7.07
N THR A 211 18.18 3.94 -6.51
CA THR A 211 16.98 4.36 -7.24
C THR A 211 16.80 5.87 -7.25
N GLY A 212 17.25 6.53 -6.18
CA GLY A 212 17.06 7.96 -6.04
C GLY A 212 15.77 8.28 -5.29
N PHE A 213 15.00 7.24 -4.99
CA PHE A 213 13.73 7.39 -4.29
C PHE A 213 13.90 7.39 -2.78
N GLN A 214 13.19 8.29 -2.11
CA GLN A 214 13.17 8.30 -0.64
C GLN A 214 11.93 7.60 -0.12
N CYS A 215 12.02 7.06 1.08
CA CYS A 215 10.90 6.35 1.67
C CYS A 215 10.87 6.50 3.18
N SER A 216 9.75 6.12 3.77
CA SER A 216 9.63 6.07 5.23
C SER A 216 9.47 4.61 5.62
N ALA A 217 9.58 4.34 6.91
CA ALA A 217 9.43 2.97 7.40
C ALA A 217 9.00 2.92 8.86
N GLY A 218 8.27 1.87 9.21
CA GLY A 218 7.90 1.63 10.59
C GLY A 218 8.47 0.31 11.04
N ILE A 219 8.99 0.26 12.26
CA ILE A 219 9.54 -0.97 12.80
C ILE A 219 8.87 -1.32 14.13
N SER A 220 8.28 -2.50 14.18
CA SER A 220 7.61 -2.96 15.39
C SER A 220 7.58 -4.50 15.46
N HIS A 221 6.64 -5.03 16.22
CA HIS A 221 6.57 -6.49 16.42
C HIS A 221 5.54 -7.16 15.51
N ASN A 222 4.76 -6.37 14.79
CA ASN A 222 3.79 -6.89 13.85
C ASN A 222 3.51 -5.93 12.71
N LYS A 223 2.74 -6.37 11.72
CA LYS A 223 2.46 -5.55 10.54
C LYS A 223 1.67 -4.29 10.84
N VAL A 224 0.61 -4.42 11.63
CA VAL A 224 -0.27 -3.30 11.94
C VAL A 224 0.47 -2.14 12.64
N LEU A 225 1.27 -2.46 13.65
CA LEU A 225 2.03 -1.44 14.35
C LEU A 225 3.11 -0.82 13.45
N ALA A 226 3.73 -1.65 12.62
CA ALA A 226 4.76 -1.19 11.70
C ALA A 226 4.19 -0.21 10.68
N LYS A 227 3.01 -0.56 10.14
CA LYS A 227 2.34 0.30 9.17
C LYS A 227 1.99 1.65 9.79
N LEU A 228 1.42 1.60 11.00
CA LEU A 228 1.06 2.79 11.74
C LEU A 228 2.30 3.63 12.04
N ALA A 229 3.37 2.96 12.45
CA ALA A 229 4.63 3.62 12.77
C ALA A 229 5.18 4.39 11.58
N CYS A 230 5.11 3.77 10.40
CA CYS A 230 5.64 4.36 9.18
C CYS A 230 5.08 5.75 8.92
N GLY A 231 3.80 5.94 9.20
CA GLY A 231 3.15 7.22 8.94
C GLY A 231 3.33 8.24 10.04
N LEU A 232 3.97 7.84 11.14
CA LEU A 232 4.16 8.74 12.28
C LEU A 232 5.15 9.87 11.99
N ASN A 233 6.14 9.59 11.14
CA ASN A 233 7.11 10.60 10.75
C ASN A 233 7.43 10.52 9.27
N LYS A 234 6.64 11.20 8.46
CA LYS A 234 6.85 11.28 7.02
C LYS A 234 7.13 12.72 6.61
N PRO A 235 7.95 12.92 5.57
CA PRO A 235 8.62 11.90 4.76
C PRO A 235 10.07 11.65 5.19
N ASN A 236 10.70 10.66 4.56
CA ASN A 236 12.13 10.42 4.70
C ASN A 236 12.60 10.16 6.14
N ARG A 237 11.74 9.54 6.94
CA ARG A 237 12.08 9.18 8.30
C ARG A 237 11.53 7.81 8.64
N GLN A 238 12.11 7.16 9.65
CA GLN A 238 11.58 5.89 10.10
C GLN A 238 11.25 5.93 11.59
N THR A 239 10.22 5.20 11.99
CA THR A 239 9.75 5.22 13.36
C THR A 239 9.73 3.82 13.98
N LEU A 240 10.32 3.71 15.16
CA LEU A 240 10.31 2.46 15.92
C LEU A 240 9.19 2.53 16.94
N VAL A 241 8.29 1.55 16.89
CA VAL A 241 7.24 1.45 17.89
C VAL A 241 7.45 0.21 18.74
N SER A 242 7.86 0.43 19.99
CA SER A 242 8.08 -0.66 20.92
C SER A 242 6.76 -1.12 21.53
N HIS A 243 6.79 -2.28 22.17
CA HIS A 243 5.63 -2.81 22.86
C HIS A 243 5.16 -1.86 23.94
N GLY A 244 6.10 -1.24 24.63
CA GLY A 244 5.81 -0.36 25.74
C GLY A 244 5.14 0.96 25.36
N SER A 245 5.36 1.41 24.12
CA SER A 245 4.80 2.69 23.67
C SER A 245 3.33 2.56 23.30
N VAL A 246 2.85 1.32 23.20
CA VAL A 246 1.50 1.03 22.73
C VAL A 246 0.34 1.64 23.56
N PRO A 247 0.35 1.45 24.89
CA PRO A 247 -0.77 2.00 25.68
C PRO A 247 -0.98 3.50 25.50
N GLN A 248 0.10 4.27 25.51
CA GLN A 248 0.02 5.71 25.33
C GLN A 248 -0.35 6.08 23.90
N LEU A 249 0.31 5.43 22.94
CA LEU A 249 0.07 5.66 21.52
C LEU A 249 -1.39 5.42 21.16
N PHE A 250 -1.94 4.32 21.66
CA PHE A 250 -3.33 3.94 21.38
C PHE A 250 -4.34 4.74 22.22
N SER A 251 -3.87 5.37 23.28
CA SER A 251 -4.76 6.05 24.22
C SER A 251 -5.54 7.21 23.57
N GLN A 252 -4.96 7.80 22.54
CA GLN A 252 -5.61 8.89 21.83
C GLN A 252 -5.63 8.61 20.33
N MET A 253 -5.45 7.34 19.97
CA MET A 253 -5.40 6.93 18.58
C MET A 253 -6.77 6.51 18.07
N PRO A 254 -7.32 7.29 17.11
CA PRO A 254 -8.62 6.97 16.51
C PRO A 254 -8.61 5.58 15.90
N ILE A 255 -9.67 4.82 16.14
CA ILE A 255 -9.79 3.45 15.63
C ILE A 255 -9.57 3.35 14.12
N ARG A 256 -10.05 4.35 13.39
CA ARG A 256 -9.97 4.36 11.93
C ARG A 256 -8.54 4.41 11.40
N LYS A 257 -7.59 4.82 12.24
CA LYS A 257 -6.19 4.93 11.82
C LYS A 257 -5.52 3.58 11.71
N ILE A 258 -6.11 2.58 12.37
CA ILE A 258 -5.54 1.24 12.38
C ILE A 258 -5.96 0.48 11.12
N ARG A 259 -5.00 -0.12 10.45
CA ARG A 259 -5.22 -0.84 9.19
C ARG A 259 -6.32 -1.88 9.34
N SER A 260 -7.26 -1.85 8.39
CA SER A 260 -8.45 -2.72 8.31
C SER A 260 -9.65 -2.20 9.10
N LEU A 261 -9.44 -1.15 9.88
CA LEU A 261 -10.53 -0.56 10.66
C LEU A 261 -10.96 0.79 10.10
N GLY A 262 -10.48 1.10 8.89
CA GLY A 262 -10.79 2.38 8.27
C GLY A 262 -12.14 2.40 7.57
N GLY A 263 -12.83 1.27 7.58
CA GLY A 263 -14.10 1.15 6.89
C GLY A 263 -15.30 0.85 7.76
N LYS A 264 -16.19 -0.01 7.26
CA LYS A 264 -17.44 -0.33 7.95
C LYS A 264 -17.24 -1.01 9.30
N LEU A 265 -16.28 -1.92 9.37
CA LEU A 265 -16.00 -2.63 10.62
C LEU A 265 -15.57 -1.66 11.71
N GLY A 266 -14.63 -0.78 11.39
CA GLY A 266 -14.16 0.21 12.33
C GLY A 266 -15.28 1.15 12.76
N ALA A 267 -16.12 1.52 11.80
CA ALA A 267 -17.30 2.33 12.09
C ALA A 267 -18.24 1.57 13.02
N SER A 268 -18.34 0.26 12.80
CA SER A 268 -19.19 -0.59 13.61
C SER A 268 -18.65 -0.73 15.04
N VAL A 269 -17.33 -0.79 15.17
CA VAL A 269 -16.69 -0.86 16.49
C VAL A 269 -16.99 0.41 17.27
N ILE A 270 -16.87 1.56 16.60
CA ILE A 270 -17.16 2.84 17.21
C ILE A 270 -18.62 2.98 17.64
N GLU A 271 -19.52 2.61 16.73
CA GLU A 271 -20.96 2.75 16.97
C GLU A 271 -21.47 1.84 18.08
N ILE A 272 -21.18 0.55 17.96
CA ILE A 272 -21.68 -0.45 18.90
C ILE A 272 -21.13 -0.29 20.32
N LEU A 273 -19.84 -0.04 20.43
CA LEU A 273 -19.17 0.01 21.73
C LEU A 273 -19.15 1.41 22.36
N GLY A 274 -19.41 2.43 21.56
CA GLY A 274 -19.45 3.80 22.06
C GLY A 274 -18.07 4.31 22.47
N ILE A 275 -17.05 3.93 21.70
CA ILE A 275 -15.70 4.38 21.97
C ILE A 275 -15.13 5.14 20.77
N GLU A 276 -13.97 5.75 20.96
CA GLU A 276 -13.33 6.53 19.90
C GLU A 276 -11.90 6.09 19.63
N TYR A 277 -11.20 5.65 20.67
CA TYR A 277 -9.80 5.31 20.55
C TYR A 277 -9.49 3.82 20.72
N MET A 278 -8.36 3.41 20.15
CA MET A 278 -7.96 2.01 20.14
C MET A 278 -7.73 1.42 21.52
N GLY A 279 -7.18 2.22 22.42
CA GLY A 279 -6.89 1.78 23.77
C GLY A 279 -8.14 1.40 24.55
N GLU A 280 -9.27 1.98 24.16
CA GLU A 280 -10.53 1.76 24.86
C GLU A 280 -11.10 0.36 24.64
N LEU A 281 -10.48 -0.41 23.75
CA LEU A 281 -10.93 -1.78 23.50
C LEU A 281 -10.54 -2.73 24.63
N THR A 282 -9.51 -2.35 25.39
CA THR A 282 -8.93 -3.24 26.40
C THR A 282 -9.89 -3.61 27.54
N GLN A 283 -10.89 -2.77 27.77
CA GLN A 283 -11.82 -2.99 28.88
C GLN A 283 -12.90 -4.03 28.57
N PHE A 284 -12.92 -4.51 27.32
CA PHE A 284 -13.88 -5.52 26.93
C PHE A 284 -13.21 -6.90 26.89
N THR A 285 -13.97 -7.92 27.26
CA THR A 285 -13.45 -9.29 27.20
C THR A 285 -13.44 -9.77 25.76
N GLU A 286 -12.68 -10.83 25.51
CA GLU A 286 -12.59 -11.40 24.17
C GLU A 286 -13.95 -11.92 23.73
N SER A 287 -14.67 -12.54 24.65
CA SER A 287 -16.00 -13.07 24.39
C SER A 287 -16.97 -11.96 24.01
N GLN A 288 -16.84 -10.81 24.67
CA GLN A 288 -17.68 -9.66 24.38
C GLN A 288 -17.49 -9.18 22.95
N LEU A 289 -16.23 -8.99 22.56
CA LEU A 289 -15.90 -8.55 21.21
C LEU A 289 -16.32 -9.61 20.18
N GLN A 290 -16.14 -10.87 20.54
CA GLN A 290 -16.55 -11.98 19.69
C GLN A 290 -18.06 -11.99 19.50
N SER A 291 -18.78 -11.59 20.55
CA SER A 291 -20.24 -11.57 20.50
C SER A 291 -20.74 -10.51 19.52
N HIS A 292 -20.02 -9.41 19.44
CA HIS A 292 -20.41 -8.30 18.57
C HIS A 292 -19.88 -8.45 17.14
N PHE A 293 -18.66 -8.95 17.02
CA PHE A 293 -17.96 -8.90 15.73
C PHE A 293 -17.58 -10.27 15.19
N GLY A 294 -18.00 -11.33 15.88
CA GLY A 294 -17.71 -12.69 15.45
C GLY A 294 -16.46 -13.24 16.12
N GLU A 295 -16.31 -14.56 16.03
CA GLU A 295 -15.19 -15.25 16.67
C GLU A 295 -13.84 -14.74 16.17
N LYS A 296 -13.73 -14.54 14.87
CA LYS A 296 -12.48 -14.14 14.25
C LYS A 296 -12.11 -12.68 14.53
N ASN A 297 -13.04 -11.77 14.24
CA ASN A 297 -12.80 -10.34 14.49
C ASN A 297 -12.56 -10.05 15.96
N GLY A 298 -13.33 -10.70 16.82
CA GLY A 298 -13.25 -10.47 18.25
C GLY A 298 -11.89 -10.80 18.84
N SER A 299 -11.35 -11.96 18.47
CA SER A 299 -10.03 -12.36 18.93
C SER A 299 -8.96 -11.42 18.42
N TRP A 300 -9.09 -11.00 17.17
CA TRP A 300 -8.13 -10.08 16.55
C TRP A 300 -8.13 -8.73 17.25
N LEU A 301 -9.32 -8.22 17.54
CA LEU A 301 -9.46 -6.94 18.23
C LEU A 301 -8.95 -7.00 19.66
N TYR A 302 -9.20 -8.12 20.33
CA TYR A 302 -8.78 -8.30 21.72
C TYR A 302 -7.27 -8.18 21.85
N ALA A 303 -6.54 -8.83 20.95
CA ALA A 303 -5.09 -8.81 20.98
C ALA A 303 -4.52 -7.49 20.47
N MET A 304 -5.14 -6.96 19.41
CA MET A 304 -4.62 -5.78 18.72
C MET A 304 -4.56 -4.54 19.61
N CYS A 305 -5.59 -4.33 20.43
CA CYS A 305 -5.62 -3.17 21.30
C CYS A 305 -4.57 -3.26 22.40
N ARG A 306 -3.97 -4.45 22.53
CA ARG A 306 -2.88 -4.66 23.46
C ARG A 306 -1.55 -4.67 22.71
N GLY A 307 -1.61 -4.33 21.42
CA GLY A 307 -0.42 -4.25 20.59
C GLY A 307 0.02 -5.59 20.03
N ILE A 308 -0.89 -6.57 20.07
CA ILE A 308 -0.57 -7.93 19.65
C ILE A 308 -1.31 -8.33 18.37
N GLU A 309 -0.55 -8.82 17.39
CA GLU A 309 -1.14 -9.27 16.13
C GLU A 309 -0.25 -10.34 15.52
N HIS A 310 -0.86 -11.35 14.90
CA HIS A 310 -0.11 -12.53 14.47
C HIS A 310 -0.10 -12.79 12.97
N ASP A 311 -0.73 -11.90 12.20
CA ASP A 311 -0.71 -11.98 10.75
C ASP A 311 0.74 -12.05 10.25
N PRO A 312 1.10 -13.15 9.58
CA PRO A 312 2.49 -13.31 9.15
C PRO A 312 2.83 -12.46 7.93
N VAL A 313 4.10 -12.09 7.83
CA VAL A 313 4.64 -11.50 6.62
C VAL A 313 4.75 -12.61 5.59
N LYS A 314 3.86 -12.59 4.61
CA LYS A 314 3.80 -13.65 3.61
C LYS A 314 4.92 -13.52 2.57
N PRO A 315 5.57 -14.64 2.24
CA PRO A 315 6.60 -14.60 1.19
C PRO A 315 5.97 -14.42 -0.19
N ARG A 316 5.67 -13.19 -0.55
CA ARG A 316 5.01 -12.90 -1.81
C ARG A 316 5.39 -11.53 -2.36
N GLN A 317 6.11 -11.52 -3.48
CA GLN A 317 6.64 -10.29 -4.03
C GLN A 317 5.89 -9.90 -5.30
N LEU A 318 5.22 -10.88 -5.89
CA LEU A 318 4.52 -10.70 -7.16
C LEU A 318 3.01 -10.60 -6.95
N PRO A 319 2.31 -9.81 -7.81
CA PRO A 319 0.85 -9.75 -7.80
C PRO A 319 0.20 -11.11 -8.06
N LYS A 320 -0.94 -11.37 -7.42
CA LYS A 320 -1.65 -12.64 -7.58
C LYS A 320 -2.51 -12.63 -8.83
N THR A 321 -2.85 -11.43 -9.30
CA THR A 321 -3.71 -11.28 -10.47
C THR A 321 -3.21 -10.14 -11.34
N ILE A 322 -3.58 -10.16 -12.61
CA ILE A 322 -3.26 -9.08 -13.54
C ILE A 322 -4.52 -8.57 -14.21
N GLY A 323 -4.94 -7.36 -13.87
CA GLY A 323 -6.21 -6.84 -14.33
C GLY A 323 -6.18 -5.46 -14.93
N CYS A 324 -7.14 -5.22 -15.82
CA CYS A 324 -7.32 -3.92 -16.46
C CYS A 324 -8.81 -3.58 -16.48
N SER A 325 -9.13 -2.32 -16.22
CA SER A 325 -10.52 -1.89 -16.15
C SER A 325 -10.71 -0.52 -16.78
N LYS A 326 -11.91 -0.29 -17.30
CA LYS A 326 -12.27 1.04 -17.79
C LYS A 326 -13.75 1.33 -17.59
N ASN A 327 -14.04 2.54 -17.08
CA ASN A 327 -15.41 2.99 -16.90
C ASN A 327 -15.91 3.75 -18.12
N PHE A 328 -17.22 3.72 -18.32
CA PHE A 328 -17.85 4.45 -19.41
C PHE A 328 -19.11 5.13 -18.90
N PRO A 329 -18.93 6.25 -18.17
CA PRO A 329 -20.00 6.94 -17.46
C PRO A 329 -21.05 7.53 -18.39
N LYS A 331 -23.26 9.34 -20.43
CA LYS A 331 -23.72 9.35 -21.82
C LYS A 331 -22.71 8.69 -22.75
N THR A 332 -21.53 8.39 -22.21
CA THR A 332 -20.47 7.72 -22.98
C THR A 332 -20.60 6.21 -22.89
N ALA A 333 -21.67 5.74 -22.25
CA ALA A 333 -21.88 4.32 -22.04
C ALA A 333 -21.99 3.56 -23.35
N LEU A 334 -21.49 2.32 -23.35
CA LEU A 334 -21.43 1.50 -24.56
C LEU A 334 -22.80 0.94 -24.92
N ALA A 335 -23.25 1.20 -26.14
CA ALA A 335 -24.60 0.82 -26.55
C ALA A 335 -24.65 -0.01 -27.83
N THR A 336 -23.49 -0.36 -28.38
CA THR A 336 -23.45 -1.19 -29.58
C THR A 336 -22.52 -2.38 -29.37
N ARG A 337 -22.85 -3.50 -30.03
CA ARG A 337 -22.01 -4.70 -29.98
C ARG A 337 -20.62 -4.39 -30.49
N GLU A 338 -20.54 -3.57 -31.53
CA GLU A 338 -19.27 -3.14 -32.10
C GLU A 338 -18.44 -2.36 -31.08
N GLN A 339 -19.12 -1.53 -30.30
CA GLN A 339 -18.46 -0.77 -29.24
C GLN A 339 -17.92 -1.68 -28.15
N VAL A 340 -18.80 -2.54 -27.63
CA VAL A 340 -18.44 -3.47 -26.57
C VAL A 340 -17.25 -4.33 -26.97
N GLN A 341 -17.24 -4.77 -28.22
CA GLN A 341 -16.17 -5.63 -28.72
C GLN A 341 -14.84 -4.89 -28.85
N TRP A 342 -14.89 -3.62 -29.25
CA TRP A 342 -13.67 -2.85 -29.45
C TRP A 342 -12.95 -2.58 -28.13
N TRP A 343 -13.71 -2.18 -27.11
CA TRP A 343 -13.12 -1.87 -25.82
C TRP A 343 -12.65 -3.12 -25.06
N LEU A 344 -13.35 -4.24 -25.26
CA LEU A 344 -12.91 -5.50 -24.70
C LEU A 344 -11.59 -5.91 -25.33
N LEU A 345 -11.43 -5.59 -26.62
CA LEU A 345 -10.18 -5.87 -27.32
C LEU A 345 -9.05 -5.01 -26.78
N GLN A 346 -9.32 -3.72 -26.58
CA GLN A 346 -8.33 -2.80 -26.03
C GLN A 346 -7.83 -3.29 -24.69
N LEU A 347 -8.76 -3.65 -23.81
CA LEU A 347 -8.44 -4.22 -22.51
C LEU A 347 -7.64 -5.50 -22.69
N ALA A 348 -8.08 -6.34 -23.62
CA ALA A 348 -7.41 -7.61 -23.89
C ALA A 348 -6.00 -7.41 -24.42
N GLN A 349 -5.78 -6.31 -25.14
CA GLN A 349 -4.47 -6.02 -25.71
C GLN A 349 -3.44 -5.68 -24.64
N GLU A 350 -3.83 -4.85 -23.67
CA GLU A 350 -2.94 -4.53 -22.57
C GLU A 350 -2.70 -5.76 -21.71
N LEU A 351 -3.76 -6.54 -21.51
CA LEU A 351 -3.69 -7.76 -20.72
C LEU A 351 -2.66 -8.73 -21.29
N GLU A 352 -2.74 -8.97 -22.59
CA GLU A 352 -1.80 -9.85 -23.27
C GLU A 352 -0.38 -9.32 -23.15
N GLU A 353 -0.24 -8.01 -23.28
CA GLU A 353 1.05 -7.34 -23.21
C GLU A 353 1.71 -7.56 -21.86
N ARG A 354 0.96 -7.35 -20.79
CA ARG A 354 1.46 -7.52 -19.44
C ARG A 354 1.68 -8.99 -19.07
N LEU A 355 0.79 -9.86 -19.57
CA LEU A 355 0.89 -11.28 -19.30
C LEU A 355 2.15 -11.91 -19.91
N THR A 356 2.44 -11.55 -21.15
CA THR A 356 3.59 -12.09 -21.86
C THR A 356 4.89 -11.70 -21.16
N LYS A 357 4.97 -10.44 -20.72
CA LYS A 357 6.12 -9.96 -19.98
C LYS A 357 6.22 -10.69 -18.64
N ASP A 358 5.07 -10.95 -18.03
CA ASP A 358 5.02 -11.66 -16.74
C ASP A 358 5.52 -13.08 -16.89
N ARG A 359 5.13 -13.74 -17.98
CA ARG A 359 5.51 -15.12 -18.24
C ARG A 359 7.03 -15.26 -18.41
N ASN A 360 7.63 -14.32 -19.13
CA ASN A 360 9.07 -14.33 -19.36
C ASN A 360 9.86 -14.00 -18.10
N ASP A 361 9.37 -13.03 -17.34
CA ASP A 361 10.08 -12.54 -16.15
C ASP A 361 9.95 -13.48 -14.95
N ASN A 362 8.76 -14.05 -14.78
CA ASN A 362 8.42 -14.68 -13.51
C ASN A 362 8.11 -16.18 -13.58
N ASP A 363 8.36 -16.78 -14.75
CA ASP A 363 8.24 -18.23 -14.92
C ASP A 363 6.88 -18.78 -14.51
N ARG A 364 5.81 -18.14 -14.99
CA ARG A 364 4.46 -18.57 -14.65
C ARG A 364 3.48 -18.22 -15.74
N VAL A 365 2.34 -18.91 -15.76
CA VAL A 365 1.30 -18.67 -16.75
C VAL A 365 -0.09 -18.64 -16.09
N ALA A 366 -0.85 -17.60 -16.40
CA ALA A 366 -2.22 -17.48 -15.92
C ALA A 366 -3.12 -18.50 -16.60
N THR A 367 -4.14 -18.98 -15.89
CA THR A 367 -4.98 -20.05 -16.43
C THR A 367 -6.47 -19.70 -16.44
N GLN A 368 -6.85 -18.61 -15.78
CA GLN A 368 -8.25 -18.21 -15.75
C GLN A 368 -8.45 -16.74 -16.14
N LEU A 369 -9.42 -16.50 -17.02
CA LEU A 369 -9.78 -15.15 -17.41
C LEU A 369 -11.12 -14.76 -16.79
N VAL A 370 -11.12 -13.70 -16.00
CA VAL A 370 -12.33 -13.21 -15.38
C VAL A 370 -12.83 -11.98 -16.10
N VAL A 371 -14.11 -11.98 -16.45
CA VAL A 371 -14.72 -10.82 -17.09
C VAL A 371 -15.81 -10.24 -16.19
N SER A 372 -15.86 -8.91 -16.12
CA SER A 372 -16.86 -8.25 -15.29
C SER A 372 -17.36 -6.99 -15.96
N ILE A 373 -18.65 -6.74 -15.86
CA ILE A 373 -19.26 -5.56 -16.47
C ILE A 373 -20.20 -4.86 -15.51
N ARG A 374 -20.50 -3.60 -15.81
CA ARG A 374 -21.50 -2.85 -15.05
C ARG A 374 -22.55 -2.30 -15.99
N VAL A 375 -23.79 -2.21 -15.49
CA VAL A 375 -24.89 -1.72 -16.28
C VAL A 375 -25.33 -0.35 -15.75
N GLN A 376 -25.78 0.52 -16.67
CA GLN A 376 -26.15 1.90 -16.36
C GLN A 376 -27.08 2.08 -15.15
N GLY A 377 -27.94 1.11 -14.91
CA GLY A 377 -28.89 1.17 -13.80
C GLY A 377 -28.29 0.73 -12.47
N ASP A 378 -27.33 -0.19 -12.54
CA ASP A 378 -26.81 -0.85 -11.34
C ASP A 378 -25.94 0.05 -10.47
N LYS A 379 -25.73 -0.38 -9.23
CA LYS A 379 -24.93 0.38 -8.28
C LYS A 379 -23.44 0.27 -8.59
N LEU A 381 -20.53 -1.45 -8.02
CA LEU A 381 -19.25 -1.59 -8.71
C LEU A 381 -19.36 -2.56 -9.88
N SER A 382 -19.67 -3.82 -9.57
CA SER A 382 -19.84 -4.83 -10.61
C SER A 382 -21.30 -5.23 -10.73
N SER A 383 -21.76 -5.41 -11.96
CA SER A 383 -23.12 -5.84 -12.21
C SER A 383 -23.15 -7.34 -12.46
N LEU A 384 -22.07 -7.84 -13.06
CA LEU A 384 -21.97 -9.25 -13.41
C LEU A 384 -20.50 -9.63 -13.56
N ARG A 385 -20.13 -10.77 -12.99
CA ARG A 385 -18.76 -11.24 -13.04
C ARG A 385 -18.70 -12.73 -13.38
N ARG A 386 -18.07 -13.05 -14.50
CA ARG A 386 -18.00 -14.42 -14.99
C ARG A 386 -16.59 -14.82 -15.38
N CYS A 387 -16.25 -16.09 -15.17
CA CYS A 387 -14.94 -16.60 -15.51
C CYS A 387 -15.01 -17.53 -16.70
N CYS A 388 -13.90 -17.63 -17.42
CA CYS A 388 -13.76 -18.60 -18.50
C CYS A 388 -12.31 -19.06 -18.55
N ALA A 389 -12.03 -20.12 -19.30
CA ALA A 389 -10.68 -20.65 -19.39
C ALA A 389 -9.75 -19.72 -20.16
N LEU A 390 -8.51 -19.64 -19.69
CA LEU A 390 -7.49 -18.84 -20.36
C LEU A 390 -6.40 -19.78 -20.87
N THR A 391 -6.50 -20.17 -22.14
CA THR A 391 -5.62 -21.18 -22.70
C THR A 391 -4.49 -20.61 -23.55
N ARG A 392 -4.64 -19.37 -24.01
CA ARG A 392 -3.64 -18.74 -24.85
C ARG A 392 -3.53 -17.24 -24.61
N TYR A 393 -2.30 -16.73 -24.59
CA TYR A 393 -2.08 -15.30 -24.47
C TYR A 393 -2.34 -14.60 -25.79
N ASP A 394 -3.61 -14.51 -26.17
CA ASP A 394 -4.00 -13.87 -27.42
C ASP A 394 -5.16 -12.91 -27.17
N ALA A 395 -4.94 -11.63 -27.47
CA ALA A 395 -5.92 -10.60 -27.18
C ALA A 395 -7.25 -10.84 -27.91
N HIS A 396 -7.17 -11.25 -29.17
CA HIS A 396 -8.36 -11.52 -29.96
C HIS A 396 -9.18 -12.68 -29.38
N LYS A 397 -8.48 -13.75 -29.00
CA LYS A 397 -9.12 -14.92 -28.40
C LYS A 397 -9.76 -14.56 -27.06
N MET A 398 -8.98 -13.89 -26.21
CA MET A 398 -9.46 -13.50 -24.89
C MET A 398 -10.64 -12.53 -24.96
N SER A 399 -10.57 -11.57 -25.87
CA SER A 399 -11.63 -10.58 -26.03
C SER A 399 -12.90 -11.19 -26.60
N HIS A 400 -12.73 -12.12 -27.54
CA HIS A 400 -13.89 -12.84 -28.09
C HIS A 400 -14.53 -13.68 -27.00
N ASP A 401 -13.70 -14.31 -26.17
CA ASP A 401 -14.18 -15.11 -25.05
C ASP A 401 -14.97 -14.25 -24.06
N ALA A 402 -14.42 -13.07 -23.76
CA ALA A 402 -15.06 -12.12 -22.85
C ALA A 402 -16.44 -11.77 -23.37
N PHE A 403 -16.52 -11.53 -24.68
CA PHE A 403 -17.78 -11.20 -25.33
C PHE A 403 -18.78 -12.36 -25.24
N THR A 404 -18.31 -13.57 -25.54
CA THR A 404 -19.17 -14.75 -25.55
C THR A 404 -19.91 -14.98 -24.23
N VAL A 405 -19.18 -14.87 -23.12
CA VAL A 405 -19.76 -15.17 -21.81
C VAL A 405 -20.67 -14.05 -21.31
N ILE A 406 -20.57 -12.87 -21.90
CA ILE A 406 -21.41 -11.75 -21.51
C ILE A 406 -22.47 -11.41 -22.56
N LYS A 407 -22.30 -11.93 -23.77
CA LYS A 407 -23.18 -11.59 -24.89
C LYS A 407 -24.65 -11.85 -24.62
N ASN A 408 -24.94 -12.78 -23.71
CA ASN A 408 -26.32 -13.12 -23.38
C ASN A 408 -27.00 -12.06 -22.52
N CYS A 409 -26.25 -11.04 -22.14
CA CYS A 409 -26.80 -9.96 -21.33
C CYS A 409 -27.58 -8.97 -22.19
N ASN A 410 -27.16 -8.84 -23.44
CA ASN A 410 -27.77 -7.92 -24.40
C ASN A 410 -29.27 -8.17 -24.56
N THR A 411 -30.08 -7.29 -23.97
CA THR A 411 -31.53 -7.47 -23.97
C THR A 411 -32.14 -6.99 -25.29
N SER A 412 -31.40 -6.21 -26.05
CA SER A 412 -31.89 -5.67 -27.32
C SER A 412 -32.13 -6.78 -28.33
N GLY A 413 -33.34 -6.82 -28.88
CA GLY A 413 -33.68 -7.80 -29.89
C GLY A 413 -32.83 -7.63 -31.13
N ILE A 414 -32.63 -6.38 -31.55
CA ILE A 414 -31.81 -6.07 -32.71
C ILE A 414 -30.35 -6.49 -32.49
N GLN A 415 -29.78 -7.19 -33.47
CA GLN A 415 -28.44 -7.75 -33.35
C GLN A 415 -27.35 -6.78 -33.81
N THR A 416 -27.40 -5.56 -33.28
CA THR A 416 -26.40 -4.53 -33.59
C THR A 416 -26.29 -3.59 -32.41
N GLU A 417 -27.38 -3.51 -31.63
CA GLU A 417 -27.44 -2.61 -30.50
C GLU A 417 -27.15 -3.33 -29.18
N TRP A 418 -26.80 -2.55 -28.16
CA TRP A 418 -26.63 -3.08 -26.81
C TRP A 418 -27.50 -2.33 -25.80
N SER A 419 -28.27 -3.09 -25.03
CA SER A 419 -29.14 -2.53 -23.99
C SER A 419 -29.24 -3.42 -22.78
N PRO A 420 -29.27 -2.81 -21.61
CA PRO A 420 -29.05 -1.38 -21.42
C PRO A 420 -27.55 -1.09 -21.41
N PRO A 421 -27.15 0.16 -21.68
CA PRO A 421 -25.75 0.50 -21.91
C PRO A 421 -24.82 0.06 -20.79
N LEU A 422 -23.56 -0.20 -21.14
CA LEU A 422 -22.56 -0.65 -20.18
C LEU A 422 -21.71 0.52 -19.69
N THR A 423 -21.49 0.58 -18.38
CA THR A 423 -20.74 1.68 -17.79
C THR A 423 -19.36 1.25 -17.24
N MET A 424 -19.01 -0.01 -17.45
CA MET A 424 -17.72 -0.53 -17.01
C MET A 424 -17.36 -1.86 -17.66
N LEU A 425 -16.11 -2.00 -18.05
CA LEU A 425 -15.57 -3.27 -18.52
C LEU A 425 -14.33 -3.62 -17.71
N PHE A 426 -14.09 -4.91 -17.50
CA PHE A 426 -13.03 -5.36 -16.61
C PHE A 426 -12.53 -6.76 -16.98
N LEU A 427 -11.24 -6.84 -17.31
CA LEU A 427 -10.60 -8.13 -17.58
C LEU A 427 -9.52 -8.40 -16.54
N CYS A 428 -9.53 -9.59 -15.96
CA CYS A 428 -8.53 -9.96 -14.98
C CYS A 428 -8.01 -11.38 -15.18
N ALA A 429 -6.70 -11.51 -15.27
CA ALA A 429 -6.06 -12.82 -15.37
C ALA A 429 -5.75 -13.35 -13.98
N THR A 430 -6.16 -14.59 -13.71
CA THR A 430 -5.98 -15.19 -12.39
C THR A 430 -5.49 -16.63 -12.50
N LYS A 431 -5.30 -17.26 -11.34
CA LYS A 431 -4.91 -18.66 -11.26
C LYS A 431 -3.63 -18.98 -12.03
N PHE A 432 -2.52 -18.42 -11.57
CA PHE A 432 -1.23 -18.66 -12.21
C PHE A 432 -0.69 -20.04 -11.90
N SER A 433 0.00 -20.63 -12.87
CA SER A 433 0.69 -21.90 -12.68
C SER A 433 2.12 -21.73 -13.14
N ALA A 434 3.04 -22.46 -12.52
CA ALA A 434 4.45 -22.41 -12.90
C ALA A 434 4.61 -22.90 -14.34
N SER A 435 5.55 -22.31 -15.06
CA SER A 435 5.78 -22.68 -16.46
C SER A 435 7.26 -22.66 -16.81
O3' P9G B 4 -7.49 1.27 -14.08
O3' P9G B 4 -7.46 1.30 -14.07
OP2 P9G B 4 -12.61 5.27 -15.77
OP2 P9G B 4 -12.73 5.31 -15.89
P P9G B 4 -11.41 4.45 -15.52
P P9G B 4 -11.45 4.56 -15.79
OP1 P9G B 4 -10.68 3.82 -16.65
OP1 P9G B 4 -10.92 3.83 -16.98
O5' P9G B 4 -11.76 3.32 -14.45
O5' P9G B 4 -11.55 3.54 -14.57
C5' P9G B 4 -11.02 2.09 -14.40
C5' P9G B 4 -10.80 2.31 -14.58
C4' P9G B 4 -9.66 2.33 -13.76
C4' P9G B 4 -9.56 2.45 -13.73
O4' P9G B 4 -9.83 2.90 -12.45
O4' P9G B 4 -9.91 2.94 -12.42
C1' P9G B 4 -8.90 2.30 -11.56
C1' P9G B 4 -8.97 2.40 -11.50
C2' P9G B 4 -8.77 0.88 -12.06
C2' P9G B 4 -8.71 0.99 -12.01
C3' P9G B 4 -8.81 1.06 -13.57
C3' P9G B 4 -8.78 1.15 -13.51
N9 P9G B 4 -9.42 2.43 -10.21
N9 P9G B 4 -9.56 2.50 -10.17
C8 P9G B 4 -10.72 2.62 -9.82
C8 P9G B 4 -10.88 2.67 -9.84
N7 P9G B 4 -10.87 2.71 -8.53
N7 P9G B 4 -11.09 2.74 -8.55
C5 P9G B 4 -9.59 2.56 -8.03
C5 P9G B 4 -9.83 2.61 -7.99
C6 P9G B 4 -9.12 2.58 -6.69
C6 P9G B 4 -9.42 2.62 -6.64
O6 P9G B 4 -9.77 2.72 -5.65
O6 P9G B 4 -10.13 2.73 -5.62
N1 P9G B 4 -7.74 2.40 -6.63
N1 P9G B 4 -8.05 2.45 -6.51
C2 P9G B 4 -6.92 2.24 -7.72
C2 P9G B 4 -7.17 2.32 -7.56
N2 P9G B 4 -5.61 2.09 -7.45
N2 P9G B 4 -5.88 2.17 -7.24
N3 P9G B 4 -7.34 2.22 -8.96
N3 P9G B 4 -7.54 2.32 -8.83
C4 P9G B 4 -8.68 2.39 -9.05
C4 P9G B 4 -8.87 2.46 -8.98
PT1 P9G B 4 -12.59 2.98 -7.50
PT1 P9G B 4 -12.86 2.98 -7.59
N12 P9G B 4 -12.44 1.11 -6.73
N12 P9G B 4 -13.13 0.98 -7.59
N11 P9G B 4 -14.31 3.26 -6.45
N11 P9G B 4 -14.62 3.23 -6.63
N10 P9G B 4 -12.74 4.85 -8.24
N10 P9G B 4 -12.59 5.00 -7.59
C18 P9G B 4 -13.28 5.03 -9.48
C18 P9G B 4 -12.03 5.60 -6.52
C13 P9G B 4 -13.39 6.31 -10.00
C13 P9G B 4 -11.84 6.98 -6.51
C12 P9G B 4 -13.95 6.49 -11.26
C12 P9G B 4 -11.26 7.60 -5.40
C11 P9G B 4 -14.05 7.77 -11.79
C11 P9G B 4 -11.07 8.98 -5.40
C10 P9G B 4 -13.61 8.85 -11.06
C10 P9G B 4 -11.46 9.73 -6.49
C16 P9G B 4 -12.30 5.91 -7.53
C16 P9G B 4 -12.97 5.73 -8.68
C22 P9G B 4 -11.74 5.71 -6.27
C22 P9G B 4 -13.54 5.10 -9.77
C21 P9G B 4 -11.28 6.80 -5.53
C21 P9G B 4 -13.93 5.85 -10.88
C20 P9G B 4 -11.39 8.08 -6.05
C20 P9G B 4 -13.74 7.23 -10.89
C19 P9G B 4 -11.94 8.27 -7.31
C19 P9G B 4 -13.17 7.86 -9.78
C15 P9G B 4 -12.40 7.19 -8.05
C15 P9G B 4 -12.79 7.11 -8.68
C14 P9G B 4 -12.95 7.38 -9.29
C14 P9G B 4 -12.22 7.73 -7.59
C9 P9G B 4 -13.05 8.66 -9.80
C9 P9G B 4 -12.03 9.11 -7.59
MG MG D . 3.74 5.71 -0.13
MG MG E . 1.49 2.84 -0.23
N1 XG4 F . -6.13 5.52 -7.34
N1 XG4 F . -5.58 5.51 -7.58
C2 XG4 F . -5.08 5.28 -8.14
C2 XG4 F . -4.48 5.34 -8.34
N2 XG4 F . -5.29 5.00 -9.44
N2 XG4 F . -4.64 5.12 -9.66
N3 XG4 F . -3.80 5.32 -7.69
N3 XG4 F . -3.23 5.38 -7.83
C4 XG4 F . -3.52 5.60 -6.39
C4 XG4 F . -3.02 5.59 -6.51
C5 XG4 F . -4.64 5.86 -5.48
C5 XG4 F . -4.19 5.78 -5.62
C6 XG4 F . -6.01 5.81 -6.05
C6 XG4 F . -5.52 5.73 -6.25
O6 XG4 F . -7.01 6.01 -5.33
O6 XG4 F . -6.56 5.89 -5.58
N7 XG4 F . -4.10 6.10 -4.26
N7 XG4 F . -3.70 5.98 -4.38
C8 XG4 F . -2.76 6.00 -4.40
C8 XG4 F . -2.34 5.91 -4.47
N9 XG4 F . -2.41 5.69 -5.66
N9 XG4 F . -1.95 5.68 -5.73
PA XG4 F . 0.40 5.80 -1.14
PA XG4 F . 0.34 5.84 -1.15
PB XG4 F . 2.16 8.22 -1.59
PB XG4 F . 2.18 8.20 -1.53
PG XG4 F . 2.86 8.99 1.04
PG XG4 F . 2.93 9.00 1.08
C1' XG4 F . -1.02 5.52 -6.16
C1' XG4 F . -0.56 5.54 -6.22
O1A XG4 F . 1.61 5.18 -0.55
O1A XG4 F . 1.46 5.23 -0.41
O1B XG4 F . 3.20 7.18 -1.62
O1B XG4 F . 3.19 7.13 -1.52
O1G XG4 F . 3.10 7.50 1.04
O1G XG4 F . 3.28 7.54 1.09
C2' XG4 F . -0.34 6.88 -6.17
C2' XG4 F . 0.09 6.92 -6.16
O2A XG4 F . -0.87 5.47 -0.20
O2A XG4 F . -1.04 5.58 -0.33
O2B XG4 F . 2.09 8.92 -3.03
O2B XG4 F . 2.19 8.90 -2.98
O2G XG4 F . 4.09 9.82 1.31
O2G XG4 F . 4.11 9.93 1.30
C3' XG4 F . 0.72 6.79 -5.09
C3' XG4 F . 1.10 6.83 -5.04
O3' XG4 F . 1.93 7.43 -5.52
O3' XG4 F . 2.32 7.47 -5.40
N3A XG4 F . 0.58 7.53 -1.26
N3A XG4 F . 0.57 7.57 -1.29
O3B XG4 F . 2.47 9.35 -0.49
O3B XG4 F . 2.47 9.34 -0.43
O3G XG4 F . 1.64 9.40 1.82
O3G XG4 F . 1.71 9.34 1.91
C4' XG4 F . 0.94 5.30 -4.90
C4' XG4 F . 1.31 5.34 -4.81
O4' XG4 F . -0.30 4.68 -5.27
O4' XG4 F . 0.15 4.68 -5.32
C5' XG4 F . 1.28 4.97 -3.46
C5' XG4 F . 1.47 5.02 -3.33
O5' XG4 F . 0.15 5.21 -2.62
O5' XG4 F . 0.25 5.23 -2.63
C1 GOL G . -6.08 3.51 27.51
O1 GOL G . -6.85 3.85 26.37
C2 GOL G . -4.80 2.81 27.06
O2 GOL G . -4.57 3.07 25.70
C3 GOL G . -4.94 1.31 27.28
O3 GOL G . -3.73 0.80 27.81
C1 GOL H . 10.69 2.57 -15.09
O1 GOL H . 10.56 3.92 -14.72
C2 GOL H . 12.07 2.03 -14.71
O2 GOL H . 11.93 0.94 -13.83
C3 GOL H . 12.81 1.60 -15.97
O3 GOL H . 14.00 0.92 -15.59
N1 XG4 I . -9.24 -7.97 10.68
C2 XG4 I . -8.14 -8.24 9.95
N2 XG4 I . -7.64 -7.28 9.14
N3 XG4 I . -7.49 -9.43 9.99
C4 XG4 I . -7.94 -10.43 10.78
C5 XG4 I . -9.14 -10.20 11.61
C6 XG4 I . -9.78 -8.88 11.51
O6 XG4 I . -10.79 -8.59 12.18
N7 XG4 I . -9.35 -11.34 12.29
C8 XG4 I . -8.38 -12.23 11.93
N9 XG4 I . -7.54 -11.68 11.03
C1' XG4 I . -6.37 -12.35 10.41
C1 GOL J . -14.84 -1.80 -11.48
O1 GOL J . -14.43 -2.96 -10.79
C2 GOL J . -13.68 -0.81 -11.54
O2 GOL J . -13.50 -0.37 -12.87
C3 GOL J . -14.00 0.40 -10.67
O3 GOL J . -14.52 1.43 -11.46
#